data_6BEO
#
_entry.id   6BEO
#
_entity_poly.entity_id   1
_entity_poly.type   'polypeptide(L)'
_entity_poly.pdbx_seq_one_letter_code
;(DPR)PY(DHI)PKDL(DGN)
;
_entity_poly.pdbx_strand_id   A
#
# COMPACT_ATOMS: atom_id res chain seq x y z
N DPR A 1 0.04 -0.32 -4.09
CA DPR A 1 1.29 -0.07 -4.79
CB DPR A 1 1.01 -0.48 -6.23
CG DPR A 1 -0.48 -0.25 -6.43
CD DPR A 1 -1.05 -0.53 -5.03
C DPR A 1 2.52 -0.80 -4.25
O DPR A 1 2.35 -1.88 -3.68
HA DPR A 1 1.43 1.00 -4.64
HB2 DPR A 1 1.26 -1.54 -6.26
HB3 DPR A 1 1.65 0.06 -6.94
HG2 DPR A 1 -0.89 -0.84 -7.25
HG3 DPR A 1 -0.56 0.79 -6.72
HD2 DPR A 1 -1.29 -1.59 -5.02
HD3 DPR A 1 -1.97 0.03 -4.87
N PRO A 2 3.72 -0.27 -4.42
CA PRO A 2 4.98 -0.87 -4.04
C PRO A 2 5.31 -0.80 -2.56
N TYR A 3 4.79 0.19 -1.82
CA TYR A 3 4.94 0.33 -0.38
C TYR A 3 3.82 1.21 0.14
N DHI A 4 3.21 0.73 1.22
CA DHI A 4 2.28 1.42 2.06
C DHI A 4 1.28 0.55 2.82
O DHI A 4 1.40 -0.67 2.71
CB DHI A 4 3.14 2.22 3.04
CG DHI A 4 3.81 1.56 4.21
ND1 DHI A 4 4.05 0.20 4.29
CD2 DHI A 4 4.06 2.10 5.44
CE1 DHI A 4 4.35 -0.14 5.57
NE2 DHI A 4 4.46 1.03 6.22
H DHI A 4 3.70 -0.10 1.53
HA DHI A 4 1.67 2.03 1.38
HB2 DHI A 4 2.60 3.08 3.44
HB3 DHI A 4 3.99 2.62 2.49
HD1 DHI A 4 4.23 -0.45 3.54
HD2 DHI A 4 3.89 3.13 5.71
HE1 DHI A 4 4.76 -1.08 5.90
HE2 DHI A 4 4.53 1.12 7.23
N PRO A 5 0.33 1.15 3.52
CA PRO A 5 -0.65 0.39 4.28
C PRO A 5 -1.65 -0.37 3.41
N LYS A 6 -2.37 -1.31 4.02
CA LYS A 6 -3.01 -2.41 3.34
C LYS A 6 -3.93 -1.93 2.21
N ASP A 7 -4.73 -0.89 2.42
CA ASP A 7 -5.71 -0.29 1.53
C ASP A 7 -5.07 0.77 0.64
N LEU A 8 -3.84 1.23 0.88
CA LEU A 8 -3.15 2.01 -0.13
C LEU A 8 -2.53 1.18 -1.23
N DGN A 9 -1.65 0.23 -0.92
CA DGN A 9 -0.97 -0.56 -1.92
C DGN A 9 -0.08 0.21 -2.88
O DGN A 9 0.40 1.30 -2.60
CB DGN A 9 -0.17 -1.68 -1.25
CG DGN A 9 -1.06 -2.75 -0.62
CD DGN A 9 -1.94 -3.40 -1.69
OE1 DGN A 9 -1.44 -3.75 -2.75
NE2 DGN A 9 -3.19 -3.69 -1.33
H DGN A 9 -1.44 0.01 0.05
HA DGN A 9 -1.74 -1.04 -2.53
HB2 DGN A 9 0.45 -1.29 -0.45
HB3 DGN A 9 0.44 -2.22 -1.98
HG2 DGN A 9 -1.73 -2.24 0.08
HG3 DGN A 9 -0.45 -3.48 -0.09
HE21 DGN A 9 -3.60 -3.26 -0.52
HE22 DGN A 9 -3.55 -4.25 -2.08
N DPR A 1 0.37 -0.04 -3.69
CA DPR A 1 1.47 0.53 -4.44
CB DPR A 1 1.06 0.82 -5.89
CG DPR A 1 -0.20 -0.04 -6.07
CD DPR A 1 -0.72 -0.10 -4.64
C DPR A 1 2.73 -0.31 -4.27
O DPR A 1 2.59 -1.47 -3.87
HA DPR A 1 1.60 1.53 -4.02
HB2 DPR A 1 1.77 0.47 -6.63
HB3 DPR A 1 0.88 1.89 -5.97
HG2 DPR A 1 0.21 -1.03 -6.24
HG3 DPR A 1 -0.93 0.30 -6.81
HD2 DPR A 1 -1.38 -0.94 -4.50
HD3 DPR A 1 -1.34 0.78 -4.49
N PRO A 2 3.93 0.21 -4.54
CA PRO A 2 5.13 -0.56 -4.29
C PRO A 2 5.36 -0.97 -2.85
N TYR A 3 4.96 -0.13 -1.90
CA TYR A 3 5.08 -0.23 -0.46
C TYR A 3 3.98 0.70 0.06
N DHI A 4 3.34 0.42 1.19
CA DHI A 4 2.50 1.33 1.93
C DHI A 4 1.42 0.55 2.66
O DHI A 4 1.52 -0.66 2.81
CB DHI A 4 3.39 2.17 2.84
CG DHI A 4 3.59 1.70 4.26
ND1 DHI A 4 3.52 2.46 5.40
CD2 DHI A 4 3.99 0.44 4.64
CE1 DHI A 4 3.92 1.71 6.44
NE2 DHI A 4 4.25 0.50 6.00
H DHI A 4 3.36 -0.54 1.54
HA DHI A 4 2.05 1.98 1.16
HB2 DHI A 4 3.06 3.21 2.82
HB3 DHI A 4 4.38 2.12 2.38
HD1 DHI A 4 3.49 3.48 5.43
HD2 DHI A 4 4.24 -0.43 4.04
HE1 DHI A 4 4.15 2.21 7.37
HE2 DHI A 4 4.75 -0.22 6.50
N PRO A 5 0.36 1.16 3.23
CA PRO A 5 -0.70 0.61 4.03
C PRO A 5 -1.66 -0.28 3.26
N LYS A 6 -2.39 -1.12 3.98
CA LYS A 6 -3.23 -2.23 3.57
C LYS A 6 -4.29 -1.78 2.57
N ASP A 7 -5.03 -0.69 2.80
CA ASP A 7 -5.99 -0.16 1.87
C ASP A 7 -5.41 0.55 0.65
N LEU A 8 -4.12 0.87 0.59
CA LEU A 8 -3.55 1.49 -0.58
C LEU A 8 -2.73 0.53 -1.44
N DGN A 9 -1.72 -0.15 -0.88
CA DGN A 9 -0.73 -0.84 -1.66
C DGN A 9 0.25 0.10 -2.37
O DGN A 9 0.86 0.97 -1.75
CB DGN A 9 0.00 -1.89 -0.82
CG DGN A 9 -0.92 -2.86 -0.12
CD DGN A 9 -1.87 -3.57 -1.09
OE1 DGN A 9 -1.40 -4.17 -2.05
NE2 DGN A 9 -3.20 -3.57 -0.87
H DGN A 9 -1.72 0.07 0.11
HA DGN A 9 -1.20 -1.37 -2.47
HB2 DGN A 9 0.50 -1.32 -0.04
HB3 DGN A 9 0.70 -2.35 -1.53
HG2 DGN A 9 -1.49 -2.47 0.74
HG3 DGN A 9 -0.39 -3.70 0.33
HE21 DGN A 9 -3.56 -3.02 -0.11
HE22 DGN A 9 -3.73 -3.93 -1.63
N DPR A 1 0.03 -0.58 -4.02
CA DPR A 1 1.16 -0.07 -4.80
CB DPR A 1 1.05 -0.69 -6.18
CG DPR A 1 0.17 -1.93 -6.00
CD DPR A 1 -0.61 -1.68 -4.72
C DPR A 1 2.45 -0.58 -4.15
O DPR A 1 2.59 -1.68 -3.65
HA DPR A 1 1.13 1.00 -4.98
HB2 DPR A 1 1.98 -1.01 -6.66
HB3 DPR A 1 0.53 0.04 -6.79
HG2 DPR A 1 0.68 -2.88 -5.86
HG3 DPR A 1 -0.55 -1.97 -6.81
HD2 DPR A 1 -0.63 -2.59 -4.13
HD3 DPR A 1 -1.66 -1.39 -4.81
N PRO A 2 3.51 0.20 -4.35
CA PRO A 2 4.79 -0.46 -4.13
C PRO A 2 5.22 -0.66 -2.68
N TYR A 3 4.57 0.04 -1.76
CA TYR A 3 4.82 0.01 -0.32
C TYR A 3 3.73 0.70 0.46
N DHI A 4 3.52 0.40 1.76
CA DHI A 4 2.65 1.20 2.58
C DHI A 4 1.39 0.62 3.21
O DHI A 4 1.39 -0.56 3.52
CB DHI A 4 3.40 1.80 3.77
CG DHI A 4 3.53 0.82 4.90
ND1 DHI A 4 2.90 0.83 6.12
CD2 DHI A 4 4.51 -0.14 4.91
CE1 DHI A 4 3.53 -0.08 6.89
NE2 DHI A 4 4.55 -0.63 6.21
H DHI A 4 3.85 -0.49 2.08
HA DHI A 4 2.31 2.11 2.08
HB2 DHI A 4 2.87 2.65 4.18
HB3 DHI A 4 4.37 2.13 3.39
HD1 DHI A 4 2.15 1.41 6.47
HD2 DHI A 4 5.21 -0.41 4.13
HE1 DHI A 4 3.41 -0.21 7.95
HE2 DHI A 4 5.28 -1.22 6.54
N PRO A 5 0.28 1.34 3.42
CA PRO A 5 -0.94 0.78 4.02
C PRO A 5 -1.61 -0.25 3.14
N LYS A 6 -2.20 -1.29 3.75
CA LYS A 6 -2.82 -2.38 3.04
C LYS A 6 -4.08 -1.96 2.31
N ASP A 7 -4.63 -0.80 2.65
CA ASP A 7 -5.61 -0.14 1.82
C ASP A 7 -5.11 0.60 0.58
N LEU A 8 -3.85 1.02 0.56
CA LEU A 8 -3.29 1.80 -0.53
C LEU A 8 -2.66 0.80 -1.50
N DGN A 9 -1.72 0.01 -0.96
CA DGN A 9 -0.77 -0.77 -1.73
C DGN A 9 -0.14 0.04 -2.85
O DGN A 9 0.28 1.16 -2.65
CB DGN A 9 0.30 -1.40 -0.82
CG DGN A 9 -0.41 -2.22 0.26
CD DGN A 9 -0.01 -3.69 0.18
OE1 DGN A 9 1.03 -4.02 0.75
NE2 DGN A 9 -0.81 -4.58 -0.42
H DGN A 9 -1.59 0.13 0.04
HA DGN A 9 -1.25 -1.65 -2.12
HB2 DGN A 9 0.83 -0.58 -0.31
HB3 DGN A 9 1.02 -2.07 -1.27
HG2 DGN A 9 -1.49 -2.18 0.18
HG3 DGN A 9 -0.10 -1.85 1.23
HE21 DGN A 9 -1.66 -4.26 -0.86
HE22 DGN A 9 -0.47 -5.51 -0.65
N DPR A 1 0.32 -0.45 -3.73
CA DPR A 1 1.34 0.22 -4.52
CB DPR A 1 0.84 0.21 -5.96
CG DPR A 1 0.03 -1.08 -6.08
CD DPR A 1 -0.50 -1.22 -4.66
C DPR A 1 2.68 -0.48 -4.37
O DPR A 1 2.69 -1.65 -4.02
HA DPR A 1 1.42 1.24 -4.13
HB2 DPR A 1 1.67 0.28 -6.66
HB3 DPR A 1 0.13 1.00 -6.18
HG2 DPR A 1 0.69 -1.93 -6.22
HG3 DPR A 1 -0.79 -0.99 -6.79
HD2 DPR A 1 -0.45 -2.26 -4.35
HD3 DPR A 1 -1.51 -0.81 -4.64
N PRO A 2 3.86 0.13 -4.47
CA PRO A 2 5.13 -0.53 -4.20
C PRO A 2 5.44 -0.63 -2.72
N TYR A 3 5.06 0.36 -1.91
CA TYR A 3 5.06 0.25 -0.46
C TYR A 3 3.92 1.05 0.15
N DHI A 4 3.31 0.63 1.26
CA DHI A 4 2.28 1.31 2.04
C DHI A 4 1.29 0.49 2.84
O DHI A 4 1.34 -0.74 2.69
CB DHI A 4 2.99 2.28 2.98
CG DHI A 4 3.56 1.83 4.30
ND1 DHI A 4 3.35 2.36 5.55
CD2 DHI A 4 4.31 0.69 4.44
CE1 DHI A 4 3.77 1.44 6.43
NE2 DHI A 4 4.42 0.45 5.79
H DHI A 4 3.58 -0.28 1.59
HA DHI A 4 1.70 1.96 1.38
HB2 DHI A 4 2.42 3.19 3.08
HB3 DHI A 4 3.85 2.64 2.41
HD1 DHI A 4 2.78 3.17 5.74
HD2 DHI A 4 4.63 0.02 3.64
HE1 DHI A 4 3.79 1.63 7.49
HE2 DHI A 4 4.89 -0.30 6.28
N PRO A 5 0.27 1.05 3.50
CA PRO A 5 -0.84 0.36 4.15
C PRO A 5 -1.65 -0.55 3.25
N LYS A 6 -2.31 -1.54 3.83
CA LYS A 6 -3.21 -2.47 3.15
C LYS A 6 -4.36 -1.76 2.43
N ASP A 7 -4.63 -0.53 2.88
CA ASP A 7 -5.56 0.32 2.17
C ASP A 7 -5.14 1.00 0.87
N LEU A 8 -3.87 1.08 0.47
CA LEU A 8 -3.32 1.65 -0.74
C LEU A 8 -2.49 0.68 -1.57
N DGN A 9 -1.69 -0.20 -0.95
CA DGN A 9 -0.87 -1.16 -1.65
C DGN A 9 0.28 -0.49 -2.40
O DGN A 9 1.16 0.08 -1.76
CB DGN A 9 -0.31 -2.14 -0.64
CG DGN A 9 -1.35 -3.14 -0.13
CD DGN A 9 -2.38 -3.71 -1.11
OE1 DGN A 9 -1.96 -4.36 -2.07
NE2 DGN A 9 -3.69 -3.56 -0.86
H DGN A 9 -1.61 -0.19 0.06
HA DGN A 9 -1.39 -1.72 -2.43
HB2 DGN A 9 0.14 -1.58 0.19
HB3 DGN A 9 0.42 -2.77 -1.12
HG2 DGN A 9 -1.98 -2.61 0.59
HG3 DGN A 9 -0.87 -3.92 0.44
HE21 DGN A 9 -4.07 -3.06 -0.06
HE22 DGN A 9 -4.31 -4.11 -1.41
N DPR A 1 0.34 -0.08 -4.11
CA DPR A 1 1.48 0.09 -4.99
CB DPR A 1 1.02 -0.03 -6.43
CG DPR A 1 -0.50 0.14 -6.35
CD DPR A 1 -0.88 -0.05 -4.88
C DPR A 1 2.69 -0.76 -4.67
O DPR A 1 2.58 -1.95 -4.39
HA DPR A 1 1.70 1.14 -4.80
HB2 DPR A 1 1.18 -1.02 -6.84
HB3 DPR A 1 1.43 0.75 -7.07
HG2 DPR A 1 -1.03 -0.59 -6.97
HG3 DPR A 1 -0.84 1.11 -6.70
HD2 DPR A 1 -1.35 -1.02 -4.86
HD3 DPR A 1 -1.53 0.77 -4.57
N PRO A 2 3.94 -0.27 -4.55
CA PRO A 2 5.10 -0.95 -4.03
C PRO A 2 5.10 -1.05 -2.52
N TYR A 3 4.67 -0.05 -1.75
CA TYR A 3 4.74 0.02 -0.31
C TYR A 3 3.73 1.03 0.24
N DHI A 4 3.32 0.74 1.48
CA DHI A 4 2.46 1.63 2.26
C DHI A 4 1.59 0.83 3.20
O DHI A 4 1.89 -0.30 3.55
CB DHI A 4 3.21 2.77 2.94
CG DHI A 4 3.66 2.63 4.37
ND1 DHI A 4 3.86 3.66 5.26
CD2 DHI A 4 4.08 1.53 5.06
CE1 DHI A 4 4.30 3.20 6.45
NE2 DHI A 4 4.44 1.88 6.35
H DHI A 4 3.77 -0.01 1.95
HA DHI A 4 1.75 2.13 1.60
HB2 DHI A 4 2.57 3.66 2.81
HB3 DHI A 4 4.05 3.05 2.30
HD1 DHI A 4 3.71 4.65 5.09
HD2 DHI A 4 4.14 0.54 4.63
HE1 DHI A 4 4.37 3.77 7.36
HE2 DHI A 4 4.64 1.22 7.09
N PRO A 5 0.37 1.26 3.57
CA PRO A 5 -0.69 0.47 4.17
C PRO A 5 -1.54 -0.38 3.25
N LYS A 6 -2.25 -1.39 3.77
CA LYS A 6 -2.89 -2.38 2.92
C LYS A 6 -4.13 -1.84 2.23
N ASP A 7 -4.78 -0.83 2.83
CA ASP A 7 -5.88 -0.09 2.23
C ASP A 7 -5.52 0.56 0.92
N LEU A 8 -4.23 0.81 0.69
CA LEU A 8 -3.59 1.57 -0.37
C LEU A 8 -2.83 0.76 -1.40
N DGN A 9 -1.64 0.27 -1.02
CA DGN A 9 -0.73 -0.42 -1.93
C DGN A 9 0.06 0.44 -2.91
O DGN A 9 0.53 1.52 -2.53
CB DGN A 9 0.28 -1.22 -1.10
CG DGN A 9 -0.30 -2.41 -0.31
CD DGN A 9 -0.92 -3.47 -1.22
OE1 DGN A 9 -0.42 -3.90 -2.25
NE2 DGN A 9 -2.10 -3.96 -0.82
H DGN A 9 -1.26 0.58 -0.14
HA DGN A 9 -1.30 -1.12 -2.53
HB2 DGN A 9 0.74 -0.58 -0.35
HB3 DGN A 9 1.01 -1.57 -1.81
HG2 DGN A 9 -1.02 -2.07 0.44
HG3 DGN A 9 0.50 -2.93 0.20
HE21 DGN A 9 -2.68 -3.67 -0.04
HE22 DGN A 9 -2.64 -4.55 -1.43
N DPR A 1 0.03 -0.22 -3.97
CA DPR A 1 1.21 -0.05 -4.79
CB DPR A 1 0.85 -0.58 -6.19
CG DPR A 1 -0.64 -0.29 -6.22
CD DPR A 1 -1.14 -0.53 -4.79
C DPR A 1 2.46 -0.64 -4.18
O DPR A 1 2.42 -1.70 -3.54
HA DPR A 1 1.38 1.03 -4.88
HB2 DPR A 1 1.12 -1.63 -6.20
HB3 DPR A 1 1.31 -0.05 -7.01
HG2 DPR A 1 -1.11 -0.98 -6.93
HG3 DPR A 1 -0.88 0.74 -6.47
HD2 DPR A 1 -1.37 -1.57 -4.59
HD3 DPR A 1 -1.99 0.10 -4.56
N PRO A 2 3.62 -0.01 -4.34
CA PRO A 2 4.82 -0.74 -4.02
C PRO A 2 5.08 -0.85 -2.52
N TYR A 3 4.57 0.15 -1.80
CA TYR A 3 4.95 0.26 -0.39
C TYR A 3 3.98 1.17 0.34
N DHI A 4 3.56 0.80 1.55
CA DHI A 4 2.63 1.52 2.39
C DHI A 4 1.53 0.63 2.95
O DHI A 4 1.77 -0.57 3.04
CB DHI A 4 3.41 2.23 3.50
CG DHI A 4 3.75 1.45 4.75
ND1 DHI A 4 3.17 1.65 5.99
CD2 DHI A 4 4.33 0.21 4.82
CE1 DHI A 4 3.51 0.65 6.82
NE2 DHI A 4 4.30 -0.20 6.14
H DHI A 4 3.93 -0.06 1.93
HA DHI A 4 2.13 2.31 1.84
HB2 DHI A 4 2.88 3.13 3.76
HB3 DHI A 4 4.35 2.62 3.09
HD1 DHI A 4 2.71 2.48 6.32
HD2 DHI A 4 4.75 -0.29 3.95
HE1 DHI A 4 3.18 0.55 7.85
HE2 DHI A 4 4.72 -1.01 6.55
N PRO A 5 0.41 1.16 3.48
CA PRO A 5 -0.52 0.38 4.25
C PRO A 5 -1.38 -0.48 3.34
N LYS A 6 -2.11 -1.49 3.83
CA LYS A 6 -3.12 -2.22 3.10
C LYS A 6 -4.27 -1.41 2.53
N ASP A 7 -4.57 -0.27 3.16
CA ASP A 7 -5.50 0.70 2.59
C ASP A 7 -5.10 1.30 1.24
N LEU A 8 -3.83 1.23 0.86
CA LEU A 8 -3.29 1.87 -0.33
C LEU A 8 -2.72 0.94 -1.37
N DGN A 9 -1.72 0.16 -0.96
CA DGN A 9 -0.98 -0.77 -1.80
C DGN A 9 0.04 -0.02 -2.66
O DGN A 9 0.89 0.68 -2.10
CB DGN A 9 -0.29 -1.75 -0.85
CG DGN A 9 -1.29 -2.78 -0.34
CD DGN A 9 -1.59 -3.78 -1.44
OE1 DGN A 9 -0.70 -4.48 -1.93
NE2 DGN A 9 -2.81 -3.82 -1.98
H DGN A 9 -1.74 -0.02 0.03
HA DGN A 9 -1.65 -1.32 -2.46
HB2 DGN A 9 0.25 -1.21 -0.07
HB3 DGN A 9 0.48 -2.39 -1.28
HG2 DGN A 9 -2.20 -2.29 0.00
HG3 DGN A 9 -0.77 -3.26 0.49
HE21 DGN A 9 -3.48 -3.19 -1.60
HE22 DGN A 9 -3.02 -4.22 -2.88
N DPR A 1 0.27 -0.34 -3.95
CA DPR A 1 1.36 0.08 -4.80
CB DPR A 1 0.97 -0.27 -6.23
CG DPR A 1 -0.35 -1.01 -6.13
CD DPR A 1 -0.88 -0.79 -4.72
C DPR A 1 2.63 -0.60 -4.29
O DPR A 1 2.53 -1.62 -3.59
HA DPR A 1 1.46 1.15 -4.70
HB2 DPR A 1 1.76 -0.93 -6.59
HB3 DPR A 1 0.92 0.64 -6.83
HG2 DPR A 1 -0.12 -2.08 -6.20
HG3 DPR A 1 -0.99 -0.67 -6.95
HD2 DPR A 1 -1.42 -1.68 -4.39
HD3 DPR A 1 -1.56 0.05 -4.64
N PRO A 2 3.79 -0.03 -4.59
CA PRO A 2 5.08 -0.59 -4.27
C PRO A 2 5.31 -0.82 -2.79
N TYR A 3 4.83 0.01 -1.86
CA TYR A 3 4.82 -0.10 -0.41
C TYR A 3 3.71 0.75 0.21
N DHI A 4 3.16 0.41 1.38
CA DHI A 4 2.34 1.27 2.22
C DHI A 4 1.22 0.54 2.97
O DHI A 4 1.12 -0.68 2.91
CB DHI A 4 3.32 2.04 3.09
CG DHI A 4 3.62 1.34 4.38
ND1 DHI A 4 3.49 1.78 5.70
CD2 DHI A 4 3.98 0.02 4.52
CE1 DHI A 4 3.76 0.79 6.58
NE2 DHI A 4 4.10 -0.29 5.87
H DHI A 4 3.32 -0.49 1.80
HA DHI A 4 1.78 1.95 1.58
HB2 DHI A 4 2.80 2.97 3.29
HB3 DHI A 4 4.21 2.28 2.50
HD1 DHI A 4 3.31 2.74 5.92
HD2 DHI A 4 4.26 -0.67 3.75
HE1 DHI A 4 3.68 0.81 7.66
HE2 DHI A 4 4.51 -1.14 6.22
N PRO A 5 0.29 1.26 3.60
CA PRO A 5 -0.76 0.61 4.36
C PRO A 5 -1.75 -0.09 3.43
N LYS A 6 -2.25 -1.23 3.93
CA LYS A 6 -2.91 -2.28 3.20
C LYS A 6 -4.01 -1.77 2.27
N ASP A 7 -4.76 -0.76 2.70
CA ASP A 7 -5.80 -0.19 1.87
C ASP A 7 -5.29 0.49 0.62
N LEU A 8 -4.08 1.01 0.50
CA LEU A 8 -3.47 1.77 -0.59
C LEU A 8 -2.57 0.95 -1.51
N DGN A 9 -1.62 0.20 -0.94
CA DGN A 9 -0.66 -0.62 -1.65
C DGN A 9 0.00 0.20 -2.76
O DGN A 9 0.40 1.33 -2.45
CB DGN A 9 0.36 -1.09 -0.62
CG DGN A 9 -0.18 -2.09 0.39
CD DGN A 9 -0.61 -3.46 -0.13
OE1 DGN A 9 0.12 -4.24 -0.73
NE2 DGN A 9 -1.85 -3.86 0.19
H DGN A 9 -1.55 0.41 0.05
HA DGN A 9 -1.15 -1.49 -2.06
HB2 DGN A 9 0.55 -0.22 0.00
HB3 DGN A 9 1.25 -1.47 -1.11
HG2 DGN A 9 -1.04 -1.60 0.85
HG3 DGN A 9 0.58 -2.29 1.13
HE21 DGN A 9 -2.49 -3.19 0.58
HE22 DGN A 9 -2.15 -4.76 -0.13
N DPR A 1 0.17 -0.63 -3.80
CA DPR A 1 1.20 -0.27 -4.76
CB DPR A 1 0.86 -0.95 -6.09
CG DPR A 1 -0.66 -1.05 -5.97
CD DPR A 1 -0.94 -1.28 -4.48
C DPR A 1 2.54 -0.86 -4.37
O DPR A 1 2.64 -2.01 -3.93
HA DPR A 1 1.28 0.81 -4.84
HB2 DPR A 1 1.24 -1.96 -6.22
HB3 DPR A 1 1.23 -0.38 -6.95
HG2 DPR A 1 -1.05 -1.81 -6.62
HG3 DPR A 1 -1.24 -0.18 -6.32
HD2 DPR A 1 -0.88 -2.34 -4.27
HD3 DPR A 1 -1.84 -0.74 -4.19
N PRO A 2 3.62 -0.10 -4.55
CA PRO A 2 4.95 -0.58 -4.17
C PRO A 2 5.01 -0.75 -2.66
N TYR A 3 4.48 0.17 -1.85
CA TYR A 3 4.71 0.21 -0.43
C TYR A 3 3.76 1.18 0.26
N DHI A 4 3.07 0.68 1.29
CA DHI A 4 2.11 1.47 2.06
C DHI A 4 1.20 0.62 2.94
O DHI A 4 1.29 -0.61 2.88
CB DHI A 4 2.93 2.50 2.81
CG DHI A 4 3.39 2.08 4.19
ND1 DHI A 4 3.55 3.02 5.19
CD2 DHI A 4 4.00 0.93 4.60
CE1 DHI A 4 4.15 2.43 6.24
NE2 DHI A 4 4.33 1.14 5.93
H DHI A 4 3.21 -0.23 1.69
HA DHI A 4 1.54 2.08 1.37
HB2 DHI A 4 2.22 3.33 2.91
HB3 DHI A 4 3.72 2.94 2.20
HD1 DHI A 4 3.34 4.01 5.13
HD2 DHI A 4 4.22 0.01 4.07
HE1 DHI A 4 4.38 2.81 7.23
HE2 DHI A 4 4.84 0.51 6.53
N PRO A 5 0.21 1.20 3.62
CA PRO A 5 -0.74 0.38 4.35
C PRO A 5 -1.65 -0.39 3.39
N LYS A 6 -2.27 -1.48 3.82
CA LYS A 6 -2.94 -2.41 2.94
C LYS A 6 -4.02 -1.82 2.06
N ASP A 7 -4.71 -0.73 2.44
CA ASP A 7 -5.71 -0.03 1.65
C ASP A 7 -5.09 0.98 0.69
N LEU A 8 -3.77 1.14 0.71
CA LEU A 8 -2.99 1.94 -0.22
C LEU A 8 -2.20 1.09 -1.18
N DGN A 9 -1.37 0.16 -0.69
CA DGN A 9 -0.60 -0.76 -1.50
C DGN A 9 0.10 -0.01 -2.63
O DGN A 9 0.68 1.07 -2.46
CB DGN A 9 0.53 -1.43 -0.73
CG DGN A 9 -0.02 -2.63 0.05
CD DGN A 9 -0.87 -3.64 -0.69
OE1 DGN A 9 -0.36 -4.55 -1.36
NE2 DGN A 9 -2.21 -3.61 -0.60
H DGN A 9 -1.15 0.15 0.30
HA DGN A 9 -1.22 -1.56 -1.90
HB2 DGN A 9 0.92 -0.65 -0.09
HB3 DGN A 9 1.34 -1.71 -1.42
HG2 DGN A 9 -0.63 -2.32 0.90
HG3 DGN A 9 0.80 -3.21 0.47
HE21 DGN A 9 -2.69 -2.97 0.01
HE22 DGN A 9 -2.69 -4.25 -1.22
N DPR A 1 0.22 -0.59 -4.18
CA DPR A 1 1.31 -0.08 -4.99
CB DPR A 1 1.01 -0.44 -6.44
CG DPR A 1 -0.50 -0.73 -6.43
CD DPR A 1 -0.92 -0.96 -4.99
C DPR A 1 2.63 -0.65 -4.47
O DPR A 1 2.64 -1.82 -4.07
HA DPR A 1 1.29 1.00 -4.86
HB2 DPR A 1 1.65 -1.28 -6.72
HB3 DPR A 1 1.15 0.41 -7.10
HG2 DPR A 1 -0.65 -1.56 -7.12
HG3 DPR A 1 -1.04 0.15 -6.79
HD2 DPR A 1 -1.17 -2.03 -4.86
HD3 DPR A 1 -1.82 -0.41 -4.72
N PRO A 2 3.74 0.08 -4.50
CA PRO A 2 5.07 -0.42 -4.17
C PRO A 2 5.26 -0.64 -2.68
N TYR A 3 4.60 0.17 -1.85
CA TYR A 3 4.75 0.10 -0.42
C TYR A 3 3.70 0.89 0.35
N DHI A 4 3.39 0.54 1.59
CA DHI A 4 2.64 1.30 2.57
C DHI A 4 1.44 0.55 3.09
O DHI A 4 1.58 -0.68 3.15
CB DHI A 4 3.56 1.64 3.75
CG DHI A 4 3.97 0.54 4.69
ND1 DHI A 4 3.89 -0.83 4.47
CD2 DHI A 4 4.29 0.73 6.00
CE1 DHI A 4 4.14 -1.43 5.64
NE2 DHI A 4 4.45 -0.51 6.58
H DHI A 4 3.71 -0.38 1.88
HA DHI A 4 2.28 2.21 2.08
HB2 DHI A 4 2.97 2.34 4.36
HB3 DHI A 4 4.41 2.19 3.35
HD1 DHI A 4 3.50 -1.30 3.68
HD2 DHI A 4 4.43 1.67 6.51
HE1 DHI A 4 4.08 -2.50 5.80
HE2 DHI A 4 4.90 -0.66 7.46
N PRO A 5 0.36 1.19 3.55
CA PRO A 5 -0.71 0.54 4.29
C PRO A 5 -1.57 -0.37 3.41
N LYS A 6 -2.32 -1.29 4.02
CA LYS A 6 -3.08 -2.31 3.33
C LYS A 6 -4.11 -1.77 2.33
N ASP A 7 -4.81 -0.70 2.67
CA ASP A 7 -5.80 -0.03 1.82
C ASP A 7 -5.23 0.74 0.65
N LEU A 8 -3.90 0.80 0.44
CA LEU A 8 -3.31 1.72 -0.51
C LEU A 8 -2.61 0.87 -1.55
N DGN A 9 -1.78 -0.08 -1.12
CA DGN A 9 -0.90 -0.87 -1.96
C DGN A 9 0.06 -0.17 -2.93
O DGN A 9 0.71 0.72 -2.38
CB DGN A 9 -0.09 -1.84 -1.08
CG DGN A 9 -1.01 -2.82 -0.35
CD DGN A 9 -0.29 -3.50 0.80
OE1 DGN A 9 -0.01 -4.71 0.64
NE2 DGN A 9 0.03 -2.93 1.95
H DGN A 9 -1.65 -0.21 -0.14
HA DGN A 9 -1.56 -1.51 -2.54
HB2 DGN A 9 0.44 -1.24 -0.34
HB3 DGN A 9 0.62 -2.41 -1.66
HG2 DGN A 9 -1.43 -3.53 -1.05
HG3 DGN A 9 -1.87 -2.30 0.09
HE21 DGN A 9 -0.06 -1.93 2.02
HE22 DGN A 9 0.47 -3.37 2.75
N DPR A 1 0.14 -0.40 -3.94
CA DPR A 1 1.24 -0.05 -4.81
CB DPR A 1 0.65 -0.33 -6.19
CG DPR A 1 -0.85 -0.32 -5.96
CD DPR A 1 -1.07 -0.92 -4.56
C DPR A 1 2.56 -0.74 -4.51
O DPR A 1 2.54 -1.80 -3.91
HA DPR A 1 1.29 1.03 -4.64
HB2 DPR A 1 0.99 -1.29 -6.58
HB3 DPR A 1 0.99 0.49 -6.85
HG2 DPR A 1 -1.28 -1.05 -6.64
HG3 DPR A 1 -1.18 0.70 -6.11
HD2 DPR A 1 -1.12 -2.00 -4.55
HD3 DPR A 1 -1.99 -0.45 -4.21
N PRO A 2 3.71 -0.10 -4.77
CA PRO A 2 4.98 -0.54 -4.21
C PRO A 2 5.06 -0.64 -2.70
N TYR A 3 4.48 0.24 -1.87
CA TYR A 3 4.73 0.23 -0.44
C TYR A 3 3.77 1.10 0.34
N DHI A 4 3.16 0.64 1.43
CA DHI A 4 2.33 1.36 2.38
C DHI A 4 1.23 0.59 3.09
O DHI A 4 1.27 -0.64 3.09
CB DHI A 4 3.32 1.99 3.37
CG DHI A 4 3.99 1.12 4.37
ND1 DHI A 4 4.21 -0.25 4.29
CD2 DHI A 4 4.35 1.52 5.64
CE1 DHI A 4 4.50 -0.69 5.53
NE2 DHI A 4 4.65 0.37 6.34
H DHI A 4 3.32 -0.35 1.57
HA DHI A 4 1.83 2.18 1.88
HB2 DHI A 4 2.85 2.84 3.84
HB3 DHI A 4 4.09 2.50 2.78
HD1 DHI A 4 3.97 -0.82 3.49
HD2 DHI A 4 4.36 2.53 6.04
HE1 DHI A 4 4.69 -1.72 5.76
HE2 DHI A 4 4.84 0.30 7.33
N PRO A 5 0.23 1.27 3.67
CA PRO A 5 -0.85 0.52 4.28
C PRO A 5 -1.63 -0.33 3.28
N LYS A 6 -2.26 -1.38 3.80
CA LYS A 6 -3.00 -2.35 3.01
C LYS A 6 -4.12 -1.77 2.17
N ASP A 7 -4.75 -0.70 2.65
CA ASP A 7 -5.66 0.11 1.84
C ASP A 7 -5.06 0.92 0.70
N LEU A 8 -3.73 1.03 0.71
CA LEU A 8 -3.03 1.70 -0.37
C LEU A 8 -2.46 0.66 -1.33
N DGN A 9 -1.52 -0.16 -0.87
CA DGN A 9 -0.74 -1.02 -1.73
C DGN A 9 0.16 -0.18 -2.61
O DGN A 9 1.08 0.43 -2.06
CB DGN A 9 0.00 -2.01 -0.83
CG DGN A 9 -0.85 -2.86 0.12
CD DGN A 9 0.06 -3.74 0.99
OE1 DGN A 9 0.25 -4.90 0.63
NE2 DGN A 9 0.68 -3.23 2.05
H DGN A 9 -1.37 -0.17 0.13
HA DGN A 9 -1.47 -1.59 -2.28
HB2 DGN A 9 0.83 -1.55 -0.30
HB3 DGN A 9 0.51 -2.75 -1.46
HG2 DGN A 9 -1.59 -3.44 -0.42
HG3 DGN A 9 -1.33 -2.13 0.77
HE21 DGN A 9 0.58 -2.25 2.29
HE22 DGN A 9 1.22 -3.84 2.64
N DPR A 1 0.40 -0.61 -3.86
CA DPR A 1 1.44 -0.10 -4.74
CB DPR A 1 0.95 -0.33 -6.16
CG DPR A 1 0.17 -1.64 -5.97
CD DPR A 1 -0.49 -1.48 -4.60
C DPR A 1 2.79 -0.70 -4.42
O DPR A 1 2.88 -1.89 -4.14
HA DPR A 1 1.42 0.97 -4.59
HB2 DPR A 1 1.67 -0.43 -6.97
HB3 DPR A 1 0.28 0.48 -6.40
HG2 DPR A 1 0.80 -2.52 -5.96
HG3 DPR A 1 -0.61 -1.87 -6.68
HD2 DPR A 1 -0.53 -2.40 -4.01
HD3 DPR A 1 -1.46 -0.95 -4.57
N PRO A 2 3.88 0.07 -4.52
CA PRO A 2 5.21 -0.43 -4.27
C PRO A 2 5.47 -0.53 -2.77
N TYR A 3 4.93 0.45 -2.02
CA TYR A 3 4.91 0.42 -0.57
C TYR A 3 3.74 1.14 0.06
N DHI A 4 3.09 0.61 1.10
CA DHI A 4 2.34 1.30 2.13
C DHI A 4 1.31 0.39 2.79
O DHI A 4 1.33 -0.82 2.59
CB DHI A 4 3.24 1.97 3.17
CG DHI A 4 3.30 1.17 4.46
ND1 DHI A 4 3.20 1.72 5.73
CD2 DHI A 4 3.61 -0.16 4.56
CE1 DHI A 4 3.27 0.71 6.62
NE2 DHI A 4 3.50 -0.41 5.92
H DHI A 4 3.38 -0.33 1.33
HA DHI A 4 1.76 2.11 1.72
HB2 DHI A 4 2.77 2.93 3.35
HB3 DHI A 4 4.24 2.14 2.79
HD1 DHI A 4 3.24 2.69 5.97
HD2 DHI A 4 3.82 -0.82 3.74
HE1 DHI A 4 3.09 0.77 7.68
HE2 DHI A 4 3.60 -1.28 6.42
N PRO A 5 0.32 0.95 3.51
CA PRO A 5 -0.71 0.21 4.20
C PRO A 5 -1.69 -0.56 3.32
N LYS A 6 -2.56 -1.33 4.01
CA LYS A 6 -3.42 -2.34 3.43
C LYS A 6 -4.39 -1.69 2.47
N ASP A 7 -4.81 -0.45 2.72
CA ASP A 7 -5.83 0.23 1.93
C ASP A 7 -5.17 1.14 0.90
N LEU A 8 -3.92 0.90 0.53
CA LEU A 8 -3.15 1.69 -0.42
C LEU A 8 -2.41 0.82 -1.42
N DGN A 9 -1.59 -0.11 -0.93
CA DGN A 9 -0.81 -1.02 -1.74
C DGN A 9 0.23 -0.29 -2.58
O DGN A 9 0.97 0.56 -2.08
CB DGN A 9 -0.08 -2.04 -0.88
CG DGN A 9 -0.92 -2.96 0.01
CD DGN A 9 -0.11 -3.89 0.91
OE1 DGN A 9 -0.06 -5.11 0.79
NE2 DGN A 9 0.68 -3.34 1.83
H DGN A 9 -1.61 -0.21 0.07
HA DGN A 9 -1.54 -1.58 -2.32
HB2 DGN A 9 0.66 -1.57 -0.22
HB3 DGN A 9 0.63 -2.60 -1.48
HG2 DGN A 9 -1.59 -3.53 -0.62
HG3 DGN A 9 -1.53 -2.35 0.68
HE21 DGN A 9 0.67 -2.34 1.98
HE22 DGN A 9 1.27 -3.93 2.39
N DPR A 1 0.14 -0.73 -3.77
CA DPR A 1 1.22 -0.24 -4.60
CB DPR A 1 0.78 -0.49 -6.05
CG DPR A 1 -0.24 -1.60 -5.87
CD DPR A 1 -0.97 -1.15 -4.62
C DPR A 1 2.60 -0.83 -4.30
O DPR A 1 2.65 -1.85 -3.61
HA DPR A 1 1.18 0.82 -4.37
HB2 DPR A 1 1.63 -0.65 -6.72
HB3 DPR A 1 0.31 0.36 -6.54
HG2 DPR A 1 0.29 -2.53 -5.70
HG3 DPR A 1 -0.89 -1.66 -6.75
HD2 DPR A 1 -1.47 -1.99 -4.13
HD3 DPR A 1 -1.64 -0.29 -4.73
N PRO A 2 3.69 -0.12 -4.58
CA PRO A 2 5.02 -0.53 -4.21
C PRO A 2 5.38 -0.49 -2.73
N TYR A 3 4.79 0.37 -1.90
CA TYR A 3 4.91 0.41 -0.45
C TYR A 3 3.87 1.32 0.17
N DHI A 4 3.26 0.87 1.28
CA DHI A 4 2.31 1.56 2.13
C DHI A 4 1.28 0.64 2.75
O DHI A 4 1.45 -0.57 2.59
CB DHI A 4 3.05 2.30 3.23
CG DHI A 4 3.16 1.66 4.59
ND1 DHI A 4 3.03 2.29 5.80
CD2 DHI A 4 3.64 0.39 4.79
CE1 DHI A 4 3.48 1.42 6.72
NE2 DHI A 4 3.90 0.30 6.14
H DHI A 4 3.52 -0.03 1.63
HA DHI A 4 1.79 2.26 1.48
HB2 DHI A 4 2.46 3.22 3.40
HB3 DHI A 4 4.03 2.67 2.91
HD1 DHI A 4 2.61 3.20 5.94
HD2 DHI A 4 3.82 -0.35 4.02
HE1 DHI A 4 3.55 1.53 7.80
HE2 DHI A 4 4.48 -0.46 6.51
N PRO A 5 0.23 1.12 3.44
CA PRO A 5 -0.65 0.21 4.12
C PRO A 5 -1.53 -0.65 3.25
N LYS A 6 -2.31 -1.56 3.85
CA LYS A 6 -3.30 -2.46 3.29
C LYS A 6 -4.42 -1.89 2.43
N ASP A 7 -4.85 -0.63 2.55
CA ASP A 7 -5.65 0.00 1.52
C ASP A 7 -4.87 0.74 0.42
N LEU A 8 -3.66 1.21 0.72
CA LEU A 8 -2.87 2.01 -0.18
C LEU A 8 -2.08 1.14 -1.15
N DGN A 9 -1.60 -0.05 -0.75
CA DGN A 9 -1.01 -1.02 -1.66
C DGN A 9 0.15 -0.45 -2.48
O DGN A 9 1.10 0.18 -2.03
CB DGN A 9 -0.34 -2.08 -0.79
CG DGN A 9 -1.28 -3.03 -0.05
CD DGN A 9 -0.48 -3.98 0.86
OE1 DGN A 9 -0.30 -5.16 0.58
NE2 DGN A 9 0.02 -3.34 1.91
H DGN A 9 -1.46 -0.11 0.24
HA DGN A 9 -1.80 -1.39 -2.32
HB2 DGN A 9 0.24 -1.59 -0.02
HB3 DGN A 9 0.19 -2.75 -1.45
HG2 DGN A 9 -1.86 -3.49 -0.84
HG3 DGN A 9 -1.92 -2.46 0.61
HE21 DGN A 9 0.07 -2.34 2.01
HE22 DGN A 9 0.53 -3.95 2.55
N DPR A 1 0.15 -0.75 -3.98
CA DPR A 1 1.19 -0.33 -4.88
CB DPR A 1 0.79 -0.84 -6.26
CG DPR A 1 -0.73 -0.78 -6.16
CD DPR A 1 -0.93 -1.33 -4.75
C DPR A 1 2.57 -0.81 -4.43
O DPR A 1 2.59 -1.90 -3.88
HA DPR A 1 1.25 0.76 -4.89
HB2 DPR A 1 1.11 -1.87 -6.36
HB3 DPR A 1 1.13 -0.11 -6.99
HG2 DPR A 1 -1.22 -1.50 -6.82
HG3 DPR A 1 -1.11 0.25 -6.14
HD2 DPR A 1 -0.89 -2.41 -4.63
HD3 DPR A 1 -1.88 -0.95 -4.35
N PRO A 2 3.66 -0.05 -4.54
CA PRO A 2 4.96 -0.53 -4.13
C PRO A 2 5.15 -0.64 -2.63
N TYR A 3 4.59 0.32 -1.88
CA TYR A 3 4.81 0.42 -0.45
C TYR A 3 3.65 1.13 0.23
N DHI A 4 3.14 0.70 1.37
CA DHI A 4 2.38 1.46 2.36
C DHI A 4 1.24 0.70 3.01
O DHI A 4 1.32 -0.53 2.93
CB DHI A 4 3.38 2.16 3.27
CG DHI A 4 4.20 1.30 4.19
ND1 DHI A 4 4.85 1.79 5.32
CD2 DHI A 4 4.32 -0.05 4.26
CE1 DHI A 4 5.35 0.77 6.04
NE2 DHI A 4 5.01 -0.37 5.42
H DHI A 4 3.50 -0.17 1.75
HA DHI A 4 1.91 2.28 1.82
HB2 DHI A 4 2.88 2.88 3.94
HB3 DHI A 4 4.05 2.77 2.67
HD1 DHI A 4 4.79 2.76 5.64
HD2 DHI A 4 3.89 -0.79 3.59
HE1 DHI A 4 6.11 0.76 6.79
HE2 DHI A 4 5.30 -1.29 5.70
N PRO A 5 0.15 1.19 3.61
CA PRO A 5 -0.85 0.35 4.23
C PRO A 5 -1.59 -0.59 3.29
N LYS A 6 -2.44 -1.47 3.80
CA LYS A 6 -3.10 -2.46 2.99
C LYS A 6 -4.15 -1.77 2.14
N ASP A 7 -4.81 -0.70 2.62
CA ASP A 7 -5.70 0.13 1.83
C ASP A 7 -4.94 0.91 0.78
N LEU A 8 -3.62 1.16 0.81
CA LEU A 8 -2.90 1.82 -0.25
C LEU A 8 -2.41 0.88 -1.35
N DGN A 9 -1.57 -0.06 -0.88
CA DGN A 9 -0.80 -0.91 -1.75
C DGN A 9 0.12 -0.22 -2.75
O DGN A 9 0.74 0.81 -2.53
CB DGN A 9 0.01 -1.90 -0.91
CG DGN A 9 -0.74 -3.05 -0.24
CD DGN A 9 -0.03 -3.70 0.94
OE1 DGN A 9 0.37 -4.86 0.91
NE2 DGN A 9 0.25 -2.97 2.02
H DGN A 9 -1.41 -0.06 0.11
HA DGN A 9 -1.48 -1.52 -2.33
HB2 DGN A 9 0.52 -1.27 -0.17
HB3 DGN A 9 0.80 -2.33 -1.53
HG2 DGN A 9 -0.89 -3.87 -0.93
HG3 DGN A 9 -1.70 -2.60 0.02
HE21 DGN A 9 -0.12 -2.02 2.05
HE22 DGN A 9 0.61 -3.52 2.79
N DPR A 1 0.27 -0.31 -4.04
CA DPR A 1 1.40 0.44 -4.54
CB DPR A 1 1.13 0.76 -6.02
CG DPR A 1 -0.40 0.73 -6.05
CD DPR A 1 -0.73 -0.39 -5.08
C DPR A 1 2.69 -0.34 -4.39
O DPR A 1 2.61 -1.56 -4.40
HA DPR A 1 1.35 1.40 -4.03
HB2 DPR A 1 1.52 -0.02 -6.66
HB3 DPR A 1 1.48 1.75 -6.30
HG2 DPR A 1 -0.83 0.38 -6.99
HG3 DPR A 1 -0.82 1.64 -5.66
HD2 DPR A 1 -0.77 -1.39 -5.52
HD3 DPR A 1 -1.66 -0.23 -4.54
N PRO A 2 3.86 0.32 -4.31
CA PRO A 2 5.12 -0.32 -4.02
C PRO A 2 5.16 -1.00 -2.67
N TYR A 3 4.86 -0.15 -1.69
CA TYR A 3 4.89 -0.53 -0.28
C TYR A 3 4.07 0.56 0.38
N DHI A 4 3.53 0.27 1.57
CA DHI A 4 2.74 1.22 2.32
C DHI A 4 1.52 0.66 3.04
O DHI A 4 1.60 -0.49 3.50
CB DHI A 4 3.68 2.06 3.17
CG DHI A 4 4.50 1.33 4.20
ND1 DHI A 4 4.01 0.58 5.26
CD2 DHI A 4 5.84 1.48 4.39
CE1 DHI A 4 5.09 0.11 5.93
NE2 DHI A 4 6.18 0.76 5.52
H DHI A 4 3.66 -0.61 2.06
HA DHI A 4 2.34 1.86 1.53
HB2 DHI A 4 3.15 2.84 3.74
HB3 DHI A 4 4.44 2.50 2.53
HD1 DHI A 4 3.04 0.43 5.48
HD2 DHI A 4 6.53 2.06 3.79
HE1 DHI A 4 5.06 -0.66 6.69
HE2 DHI A 4 7.08 0.67 5.97
N PRO A 5 0.46 1.47 3.14
CA PRO A 5 -0.73 0.94 3.79
C PRO A 5 -1.26 -0.27 3.06
N LYS A 6 -2.08 -1.07 3.75
CA LYS A 6 -2.80 -2.17 3.14
C LYS A 6 -4.08 -1.78 2.42
N ASP A 7 -4.76 -0.74 2.87
CA ASP A 7 -5.89 -0.08 2.21
C ASP A 7 -5.47 0.42 0.83
N LEU A 8 -4.20 0.75 0.59
CA LEU A 8 -3.75 1.35 -0.64
C LEU A 8 -3.06 0.34 -1.56
N DGN A 9 -1.94 -0.26 -1.13
CA DGN A 9 -1.00 -0.92 -2.01
C DGN A 9 -0.37 0.11 -2.95
O DGN A 9 -0.30 1.28 -2.62
CB DGN A 9 0.09 -1.54 -1.14
CG DGN A 9 -0.27 -2.83 -0.41
CD DGN A 9 0.93 -3.25 0.45
OE1 DGN A 9 1.68 -4.18 0.16
NE2 DGN A 9 1.21 -2.51 1.52
H DGN A 9 -1.59 0.06 -0.24
HA DGN A 9 -1.46 -1.72 -2.59
HB2 DGN A 9 0.44 -0.82 -0.41
HB3 DGN A 9 0.92 -1.85 -1.76
HG2 DGN A 9 -0.57 -3.64 -1.08
HG3 DGN A 9 -1.12 -2.65 0.24
HE21 DGN A 9 0.57 -1.79 1.79
HE22 DGN A 9 2.06 -2.65 2.05
N DPR A 1 0.29 -0.63 -3.88
CA DPR A 1 1.31 -0.01 -4.70
CB DPR A 1 0.91 -0.10 -6.17
CG DPR A 1 -0.60 -0.25 -6.03
CD DPR A 1 -0.78 -1.04 -4.76
C DPR A 1 2.70 -0.55 -4.40
O DPR A 1 2.85 -1.75 -4.29
HA DPR A 1 1.39 1.07 -4.56
HB2 DPR A 1 1.35 -0.96 -6.67
HB3 DPR A 1 1.17 0.83 -6.66
HG2 DPR A 1 -0.97 -0.79 -6.92
HG3 DPR A 1 -1.13 0.69 -5.93
HD2 DPR A 1 -0.84 -2.09 -5.01
HD3 DPR A 1 -1.71 -0.63 -4.34
N PRO A 2 3.78 0.25 -4.35
CA PRO A 2 5.10 -0.32 -4.15
C PRO A 2 5.28 -0.74 -2.71
N TYR A 3 4.76 0.04 -1.76
CA TYR A 3 4.77 -0.11 -0.33
C TYR A 3 3.75 0.84 0.32
N DHI A 4 3.31 0.48 1.52
CA DHI A 4 2.50 1.35 2.35
C DHI A 4 1.35 0.65 3.07
O DHI A 4 1.52 -0.56 3.26
CB DHI A 4 3.46 1.87 3.41
CG DHI A 4 4.20 0.92 4.32
ND1 DHI A 4 3.88 0.72 5.65
CD2 DHI A 4 5.38 0.28 4.09
CE1 DHI A 4 4.82 -0.08 6.16
NE2 DHI A 4 5.73 -0.42 5.24
H DHI A 4 3.39 -0.50 1.80
HA DHI A 4 2.11 2.18 1.77
HB2 DHI A 4 2.91 2.50 4.11
HB3 DHI A 4 4.26 2.53 3.05
HD1 DHI A 4 3.02 0.98 6.14
HD2 DHI A 4 5.97 0.34 3.18
HE1 DHI A 4 4.76 -0.50 7.15
HE2 DHI A 4 6.55 -1.00 5.37
N PRO A 5 0.28 1.32 3.48
CA PRO A 5 -0.93 0.67 3.97
C PRO A 5 -1.34 -0.57 3.17
N LYS A 6 -2.06 -1.53 3.74
CA LYS A 6 -2.90 -2.47 3.03
C LYS A 6 -4.02 -1.82 2.21
N ASP A 7 -4.64 -0.78 2.76
CA ASP A 7 -5.57 0.14 2.13
C ASP A 7 -5.13 0.58 0.74
N LEU A 8 -3.86 0.97 0.57
CA LEU A 8 -3.34 1.75 -0.54
C LEU A 8 -2.56 0.85 -1.49
N DGN A 9 -1.80 -0.16 -1.05
CA DGN A 9 -0.96 -1.06 -1.81
C DGN A 9 -0.02 -0.20 -2.65
O DGN A 9 0.54 0.83 -2.25
CB DGN A 9 -0.17 -2.02 -0.93
CG DGN A 9 -1.10 -3.00 -0.22
CD DGN A 9 -0.30 -3.78 0.82
OE1 DGN A 9 -0.30 -5.00 0.88
NE2 DGN A 9 0.30 -3.06 1.77
H DGN A 9 -1.96 -0.30 -0.06
HA DGN A 9 -1.54 -1.67 -2.50
HB2 DGN A 9 0.63 -1.54 -0.38
HB3 DGN A 9 0.39 -2.59 -1.68
HG2 DGN A 9 -1.42 -3.74 -0.96
HG3 DGN A 9 -1.92 -2.45 0.25
HE21 DGN A 9 0.12 -2.07 1.83
HE22 DGN A 9 0.81 -3.50 2.52
N DPR A 1 0.19 -0.31 -4.03
CA DPR A 1 1.37 -0.02 -4.81
CB DPR A 1 0.92 -0.25 -6.25
CG DPR A 1 -0.56 0.15 -6.28
CD DPR A 1 -1.00 -0.04 -4.83
C DPR A 1 2.66 -0.69 -4.34
O DPR A 1 2.60 -1.72 -3.67
HA DPR A 1 1.56 1.06 -4.82
HB2 DPR A 1 1.16 -1.30 -6.44
HB3 DPR A 1 1.46 0.33 -7.00
HG2 DPR A 1 -1.14 -0.47 -6.95
HG3 DPR A 1 -0.70 1.18 -6.61
HD2 DPR A 1 -1.61 -0.93 -4.74
HD3 DPR A 1 -1.49 0.85 -4.43
N PRO A 2 3.85 -0.17 -4.64
CA PRO A 2 5.12 -0.74 -4.21
C PRO A 2 5.30 -0.79 -2.70
N TYR A 3 4.61 -0.01 -1.85
CA TYR A 3 4.74 0.11 -0.42
C TYR A 3 3.58 0.90 0.18
N DHI A 4 3.20 0.57 1.42
CA DHI A 4 2.50 1.43 2.36
C DHI A 4 1.32 0.67 2.96
O DHI A 4 1.26 -0.56 2.90
CB DHI A 4 3.48 2.01 3.39
CG DHI A 4 4.57 1.05 3.81
ND1 DHI A 4 5.93 1.27 3.65
CD2 DHI A 4 4.49 -0.14 4.48
CE1 DHI A 4 6.61 0.26 4.23
NE2 DHI A 4 5.76 -0.67 4.69
H DHI A 4 3.60 -0.25 1.84
HA DHI A 4 2.10 2.27 1.81
HB2 DHI A 4 2.94 2.24 4.30
HB3 DHI A 4 3.89 2.94 3.04
HD1 DHI A 4 6.31 2.05 3.15
HD2 DHI A 4 3.60 -0.66 4.79
HE1 DHI A 4 7.69 0.31 4.31
HE2 DHI A 4 5.89 -1.51 5.23
N PRO A 5 0.31 1.31 3.54
CA PRO A 5 -0.81 0.60 4.11
C PRO A 5 -1.51 -0.43 3.24
N LYS A 6 -2.31 -1.33 3.79
CA LYS A 6 -2.96 -2.39 3.07
C LYS A 6 -4.10 -1.84 2.23
N ASP A 7 -4.75 -0.75 2.66
CA ASP A 7 -5.84 -0.17 1.92
C ASP A 7 -5.23 0.44 0.66
N LEU A 8 -3.95 0.83 0.64
CA LEU A 8 -3.33 1.79 -0.24
C LEU A 8 -2.44 1.18 -1.32
N DGN A 9 -1.66 0.14 -1.00
CA DGN A 9 -0.79 -0.67 -1.83
C DGN A 9 0.07 0.15 -2.78
O DGN A 9 0.65 1.17 -2.44
CB DGN A 9 0.08 -1.56 -0.95
CG DGN A 9 -0.71 -2.74 -0.40
CD DGN A 9 -0.01 -3.63 0.62
OE1 DGN A 9 0.08 -4.86 0.65
NE2 DGN A 9 0.67 -3.02 1.60
H DGN A 9 -1.71 -0.10 -0.03
HA DGN A 9 -1.44 -1.27 -2.48
HB2 DGN A 9 0.55 -0.92 -0.21
HB3 DGN A 9 0.88 -2.03 -1.52
HG2 DGN A 9 -1.04 -3.39 -1.22
HG3 DGN A 9 -1.62 -2.30 0.02
HE21 DGN A 9 0.82 -2.03 1.58
HE22 DGN A 9 1.16 -3.62 2.25
N DPR A 1 0.06 -0.48 -4.08
CA DPR A 1 1.21 -0.18 -4.91
CB DPR A 1 0.87 -0.64 -6.33
CG DPR A 1 -0.08 -1.79 -6.02
CD DPR A 1 -0.86 -1.33 -4.79
C DPR A 1 2.54 -0.77 -4.45
O DPR A 1 2.57 -1.87 -3.90
HA DPR A 1 1.24 0.90 -4.97
HB2 DPR A 1 1.76 -1.03 -6.84
HB3 DPR A 1 0.42 0.08 -7.00
HG2 DPR A 1 0.48 -2.73 -5.88
HG3 DPR A 1 -0.76 -1.98 -6.85
HD2 DPR A 1 -1.09 -2.22 -4.20
HD3 DPR A 1 -1.71 -0.78 -5.21
N PRO A 2 3.63 -0.02 -4.62
CA PRO A 2 4.93 -0.50 -4.19
C PRO A 2 5.08 -0.75 -2.70
N TYR A 3 4.55 0.15 -1.85
CA TYR A 3 4.65 0.00 -0.41
C TYR A 3 3.85 0.97 0.46
N DHI A 4 3.26 0.50 1.55
CA DHI A 4 2.52 1.32 2.50
C DHI A 4 1.51 0.58 3.34
O DHI A 4 1.53 -0.64 3.39
CB DHI A 4 3.62 2.00 3.34
CG DHI A 4 4.67 1.05 3.83
ND1 DHI A 4 6.04 1.22 3.80
CD2 DHI A 4 4.43 -0.11 4.53
CE1 DHI A 4 6.64 0.15 4.33
NE2 DHI A 4 5.68 -0.66 4.79
H DHI A 4 3.32 -0.48 1.75
HA DHI A 4 1.94 2.11 2.00
HB2 DHI A 4 3.03 2.42 4.15
HB3 DHI A 4 3.97 2.83 2.73
HD1 DHI A 4 6.59 2.07 3.63
HD2 DHI A 4 3.47 -0.42 4.89
HE1 DHI A 4 7.71 -0.01 4.33
HE2 DHI A 4 5.81 -1.46 5.38
N PRO A 5 0.50 1.29 3.90
CA PRO A 5 -0.67 0.63 4.44
C PRO A 5 -1.40 -0.24 3.43
N LYS A 6 -2.32 -1.09 3.91
CA LYS A 6 -2.90 -2.16 3.15
C LYS A 6 -3.93 -1.75 2.10
N ASP A 7 -4.84 -0.85 2.47
CA ASP A 7 -5.72 -0.35 1.42
C ASP A 7 -4.99 0.37 0.30
N LEU A 8 -3.88 1.03 0.67
CA LEU A 8 -3.17 1.89 -0.25
C LEU A 8 -2.25 1.24 -1.26
N DGN A 9 -1.50 0.19 -0.87
CA DGN A 9 -0.85 -0.71 -1.79
C DGN A 9 0.07 -0.06 -2.82
O DGN A 9 0.91 0.73 -2.38
CB DGN A 9 0.02 -1.74 -1.08
CG DGN A 9 -0.73 -2.92 -0.46
CD DGN A 9 0.05 -3.57 0.68
OE1 DGN A 9 0.48 -4.72 0.68
NE2 DGN A 9 0.26 -2.93 1.82
H DGN A 9 -1.36 0.03 0.11
HA DGN A 9 -1.65 -1.20 -2.35
HB2 DGN A 9 0.66 -1.21 -0.36
HB3 DGN A 9 0.74 -2.20 -1.74
HG2 DGN A 9 -1.02 -3.62 -1.25
HG3 DGN A 9 -1.64 -2.55 0.02
HE21 DGN A 9 0.16 -1.94 2.00
HE22 DGN A 9 0.58 -3.44 2.64
N DPR A 1 0.44 -0.02 -4.13
CA DPR A 1 1.60 0.38 -4.90
CB DPR A 1 1.16 0.14 -6.33
CG DPR A 1 -0.37 0.19 -6.38
CD DPR A 1 -0.78 -0.05 -4.92
C DPR A 1 2.84 -0.43 -4.55
O DPR A 1 2.65 -1.63 -4.34
HA DPR A 1 1.66 1.45 -4.67
HB2 DPR A 1 1.41 -0.87 -6.65
HB3 DPR A 1 1.59 0.86 -7.02
HG2 DPR A 1 -0.76 -0.63 -6.99
HG3 DPR A 1 -0.71 1.16 -6.73
HD2 DPR A 1 -1.16 -1.07 -4.85
HD3 DPR A 1 -1.60 0.61 -4.64
N PRO A 2 4.06 0.10 -4.63
CA PRO A 2 5.24 -0.63 -4.22
C PRO A 2 5.21 -1.01 -2.74
N TYR A 3 4.74 -0.13 -1.85
CA TYR A 3 4.57 -0.39 -0.44
C TYR A 3 3.64 0.63 0.21
N DHI A 4 3.08 0.42 1.39
CA DHI A 4 2.29 1.43 2.09
C DHI A 4 1.17 0.81 2.92
O DHI A 4 1.27 -0.40 3.13
CB DHI A 4 3.29 2.27 2.88
CG DHI A 4 3.61 1.75 4.25
ND1 DHI A 4 3.31 2.46 5.40
CD2 DHI A 4 4.23 0.59 4.64
CE1 DHI A 4 3.74 1.78 6.48
NE2 DHI A 4 4.34 0.67 6.01
H DHI A 4 3.23 -0.49 1.80
HA DHI A 4 1.72 2.01 1.38
HB2 DHI A 4 2.83 3.25 2.86
HB3 DHI A 4 4.22 2.29 2.31
HD1 DHI A 4 3.01 3.41 5.35
HD2 DHI A 4 4.54 -0.21 3.98
HE1 DHI A 4 3.80 2.07 7.51
HE2 DHI A 4 4.74 -0.03 6.62
N PRO A 5 0.16 1.49 3.47
CA PRO A 5 -0.92 0.84 4.18
C PRO A 5 -1.67 -0.24 3.39
N LYS A 6 -2.27 -1.23 4.03
CA LYS A 6 -2.95 -2.31 3.35
C LYS A 6 -4.20 -1.91 2.60
N ASP A 7 -4.88 -0.82 2.96
CA ASP A 7 -5.87 -0.15 2.13
C ASP A 7 -5.29 0.54 0.91
N LEU A 8 -4.05 1.03 0.93
CA LEU A 8 -3.35 1.43 -0.26
C LEU A 8 -2.75 0.23 -1.00
N DGN A 9 -1.44 0.27 -1.22
CA DGN A 9 -0.62 -0.63 -2.00
C DGN A 9 0.31 0.26 -2.82
O DGN A 9 1.01 1.09 -2.27
CB DGN A 9 0.19 -1.57 -1.12
CG DGN A 9 -0.67 -2.42 -0.18
CD DGN A 9 0.27 -3.35 0.57
OE1 DGN A 9 0.41 -4.51 0.24
NE2 DGN A 9 0.81 -2.86 1.70
H DGN A 9 -0.92 0.95 -0.65
HA DGN A 9 -1.28 -1.16 -2.68
HB2 DGN A 9 0.91 -1.06 -0.49
HB3 DGN A 9 0.75 -2.29 -1.72
HG2 DGN A 9 -1.53 -2.85 -0.70
HG3 DGN A 9 -1.16 -1.79 0.57
HE21 DGN A 9 0.60 -1.90 1.92
HE22 DGN A 9 1.50 -3.42 2.15
N DPR A 1 0.27 -0.64 -4.70
CA DPR A 1 1.48 -0.20 -5.35
CB DPR A 1 1.34 -0.71 -6.78
CG DPR A 1 -0.17 -0.73 -7.00
CD DPR A 1 -0.78 -1.00 -5.63
C DPR A 1 2.70 -0.77 -4.67
O DPR A 1 2.67 -1.89 -4.13
HA DPR A 1 1.57 0.89 -5.38
HB2 DPR A 1 1.68 -1.75 -6.81
HB3 DPR A 1 1.94 -0.06 -7.41
HG2 DPR A 1 -0.48 -1.45 -7.76
HG3 DPR A 1 -0.44 0.29 -7.26
HD2 DPR A 1 -1.11 -2.05 -5.57
HD3 DPR A 1 -1.64 -0.33 -5.60
N PRO A 2 3.87 -0.13 -4.63
CA PRO A 2 5.05 -0.65 -3.97
C PRO A 2 5.03 -0.69 -2.46
N TYR A 3 4.27 0.15 -1.77
CA TYR A 3 4.21 0.19 -0.31
C TYR A 3 2.97 0.82 0.30
N DHI A 4 2.76 0.69 1.61
CA DHI A 4 1.74 1.38 2.37
C DHI A 4 1.17 0.55 3.52
O DHI A 4 1.89 -0.37 3.88
CB DHI A 4 2.35 2.71 2.81
CG DHI A 4 2.20 3.97 2.00
ND1 DHI A 4 2.03 4.04 0.62
CD2 DHI A 4 1.92 5.23 2.47
CE1 DHI A 4 1.77 5.31 0.26
NE2 DHI A 4 1.69 6.05 1.39
H DHI A 4 3.15 -0.04 2.17
HA DHI A 4 0.84 1.54 1.77
HB2 DHI A 4 3.40 2.50 2.95
HB3 DHI A 4 2.01 3.02 3.80
HD1 DHI A 4 2.30 3.25 0.04
HD2 DHI A 4 1.93 5.44 3.53
HE1 DHI A 4 1.66 5.73 -0.72
HE2 DHI A 4 1.43 7.04 1.39
N PRO A 5 0.04 0.91 4.14
CA PRO A 5 -0.41 0.23 5.33
C PRO A 5 -1.17 -1.09 5.15
N LYS A 6 -2.21 -1.09 4.33
CA LYS A 6 -2.84 -2.25 3.70
C LYS A 6 -3.62 -1.79 2.48
N ASP A 7 -4.20 -0.60 2.54
CA ASP A 7 -5.15 -0.17 1.53
C ASP A 7 -4.49 0.40 0.29
N LEU A 8 -3.30 1.01 0.44
CA LEU A 8 -2.84 1.98 -0.52
C LEU A 8 -2.02 1.45 -1.69
N DGN A 9 -1.53 0.21 -1.62
CA DGN A 9 -1.26 -0.55 -2.82
C DGN A 9 0.03 -0.11 -3.49
O DGN A 9 0.89 0.55 -2.92
CB DGN A 9 -1.20 -2.00 -2.33
CG DGN A 9 -2.49 -2.46 -1.66
CD DGN A 9 -2.36 -3.93 -1.33
OE1 DGN A 9 -2.08 -4.76 -2.22
NE2 DGN A 9 -2.57 -4.37 -0.08
H DGN A 9 -1.27 -0.14 -0.71
HA DGN A 9 -2.15 -0.42 -3.42
HB2 DGN A 9 -0.47 -2.00 -1.54
HB3 DGN A 9 -0.93 -2.67 -3.14
HG2 DGN A 9 -3.38 -2.34 -2.28
HG3 DGN A 9 -2.65 -1.91 -0.73
HE21 DGN A 9 -2.87 -3.74 0.63
HE22 DGN A 9 -2.17 -5.26 0.19
N DPR A 1 0.13 0.17 -4.38
CA DPR A 1 1.48 0.47 -4.84
CB DPR A 1 1.49 0.44 -6.36
CG DPR A 1 0.03 0.71 -6.66
CD DPR A 1 -0.74 0.03 -5.53
C DPR A 1 2.53 -0.47 -4.25
O DPR A 1 2.17 -1.49 -3.70
HA DPR A 1 1.75 1.46 -4.47
HB2 DPR A 1 1.76 -0.58 -6.67
HB3 DPR A 1 2.18 1.19 -6.71
HG2 DPR A 1 -0.25 0.17 -7.56
HG3 DPR A 1 -0.26 1.76 -6.83
HD2 DPR A 1 -0.94 -0.99 -5.84
HD3 DPR A 1 -1.70 0.52 -5.36
N PRO A 2 3.81 -0.10 -4.40
CA PRO A 2 4.82 -1.04 -3.95
C PRO A 2 5.01 -1.18 -2.44
N TYR A 3 4.69 -0.13 -1.68
CA TYR A 3 4.74 -0.15 -0.24
C TYR A 3 3.75 0.87 0.31
N DHI A 4 3.25 0.54 1.51
CA DHI A 4 2.30 1.30 2.30
C DHI A 4 1.53 0.48 3.34
O DHI A 4 2.00 -0.59 3.73
CB DHI A 4 3.18 2.32 3.01
CG DHI A 4 3.53 2.07 4.46
ND1 DHI A 4 3.09 2.90 5.48
CD2 DHI A 4 4.31 1.06 4.99
CE1 DHI A 4 3.38 2.28 6.65
NE2 DHI A 4 4.21 1.25 6.36
H DHI A 4 3.41 -0.41 1.80
HA DHI A 4 1.66 1.88 1.63
HB2 DHI A 4 2.63 3.25 3.12
HB3 DHI A 4 4.08 2.64 2.47
HD1 DHI A 4 2.48 3.69 5.34
HD2 DHI A 4 4.72 0.21 4.50
HE1 DHI A 4 3.10 2.59 7.63
HE2 DHI A 4 4.49 0.50 6.97
N PRO A 5 0.41 0.97 3.87
CA PRO A 5 -0.13 0.46 5.11
C PRO A 5 -0.89 -0.85 4.92
N LYS A 6 -1.94 -0.75 4.12
CA LYS A 6 -2.64 -1.92 3.63
C LYS A 6 -3.41 -1.47 2.40
N ASP A 7 -4.54 -0.76 2.40
CA ASP A 7 -5.46 -0.71 1.27
C ASP A 7 -4.92 0.04 0.08
N LEU A 8 -4.07 1.05 0.29
CA LEU A 8 -3.80 1.94 -0.82
C LEU A 8 -2.98 1.36 -1.97
N DGN A 9 -2.40 0.18 -1.75
CA DGN A 9 -1.31 -0.38 -2.53
C DGN A 9 -0.36 0.58 -3.21
O DGN A 9 -0.04 1.64 -2.67
CB DGN A 9 -0.50 -1.31 -1.62
CG DGN A 9 0.03 -0.61 -0.38
CD DGN A 9 0.69 -1.64 0.54
OE1 DGN A 9 1.88 -1.91 0.42
NE2 DGN A 9 -0.06 -2.33 1.40
H DGN A 9 -2.56 -0.25 -0.86
HA DGN A 9 -1.69 -1.01 -3.33
HB2 DGN A 9 0.28 -1.85 -2.16
HB3 DGN A 9 -1.10 -2.15 -1.29
HG2 DGN A 9 -0.82 -0.16 0.13
HG3 DGN A 9 0.76 0.15 -0.68
HE21 DGN A 9 -1.05 -2.30 1.24
HE22 DGN A 9 0.36 -2.97 2.06
#